data_4S3K
#
_entry.id   4S3K
#
_cell.length_a   63.439
_cell.length_b   80.496
_cell.length_c   90.328
_cell.angle_alpha   90.00
_cell.angle_beta   90.00
_cell.angle_gamma   90.00
#
_symmetry.space_group_name_H-M   'P 21 21 21'
#
loop_
_entity.id
_entity.type
_entity.pdbx_description
1 polymer 'Spore germination protein YaaH'
2 non-polymer 'SULFATE ION'
3 water water
#
_entity_poly.entity_id   1
_entity_poly.type   'polypeptide(L)'
_entity_poly.pdbx_seq_one_letter_code
;GGFAQIYTVKAGDSIYSIAKQFRIDAGKIIRANELPNPNQLVIGQSMVIPINGTYYTVKAGDTIWKVGRKLGVSYQAIAN
ANNVSVTAPLTPGRRILIPPSPNKRNGEFLGYVETSNRKITPQTEKMINQNAKYLTYLGPANFEVQKDGSLKAPPLNNLG
SIAKENDVIFLMVLANIENGAFSDEVGRAILNNKDVQDTLLNNIVKTAKEQNFRDIHFDFEFLRPADKEAYIAFLQKAKK
RLQDEQLLMSVALAPKTSRDQKGKWYEAHDYKAIGEIANFVVPMTYEWGYSGGPPMAVSPIGPVRDVLEYAVSEIPSSKI
IMGQNLYGYDWTLPYKPGGEYAKAISPQRAIELAARYKVAIQYDNKAQAPFFRYKDEQQRTHEVWFEDARSIQAKFDLIK
ELKLRGMAYWKLGLDFPQNWLLIEDNFKITKRVTQP
;
_entity_poly.pdbx_strand_id   A
#
loop_
_chem_comp.id
_chem_comp.type
_chem_comp.name
_chem_comp.formula
SO4 non-polymer 'SULFATE ION' 'O4 S -2'
#
# COMPACT_ATOMS: atom_id res chain seq x y z
N GLY A 1 -12.62 0.67 11.15
CA GLY A 1 -13.24 1.17 9.90
C GLY A 1 -14.26 2.27 10.15
N GLY A 2 -15.46 2.08 9.61
CA GLY A 2 -16.55 3.04 9.75
C GLY A 2 -16.81 3.80 8.47
N PHE A 3 -16.10 3.45 7.41
CA PHE A 3 -16.21 4.13 6.12
C PHE A 3 -16.50 3.17 4.97
N ALA A 4 -16.24 1.88 5.20
CA ALA A 4 -16.45 0.86 4.19
C ALA A 4 -17.10 -0.36 4.79
N GLN A 5 -17.89 -1.07 3.97
CA GLN A 5 -18.50 -2.31 4.40
C GLN A 5 -17.68 -3.50 3.87
N ILE A 6 -17.09 -4.24 4.79
CA ILE A 6 -16.27 -5.40 4.45
C ILE A 6 -16.99 -6.65 4.91
N TYR A 7 -17.16 -7.59 3.99
CA TYR A 7 -17.88 -8.82 4.27
C TYR A 7 -17.01 -10.03 4.03
N THR A 8 -17.05 -10.96 4.99
CA THR A 8 -16.30 -12.20 4.89
C THR A 8 -17.25 -13.36 4.59
N VAL A 9 -16.98 -14.07 3.51
CA VAL A 9 -17.82 -15.18 3.08
C VAL A 9 -17.91 -16.25 4.17
N LYS A 10 -19.14 -16.67 4.44
CA LYS A 10 -19.43 -17.72 5.42
C LYS A 10 -19.98 -18.96 4.72
N ALA A 11 -19.90 -20.10 5.40
CA ALA A 11 -20.41 -21.36 4.86
C ALA A 11 -21.87 -21.23 4.39
N GLY A 12 -22.11 -21.64 3.15
CA GLY A 12 -23.45 -21.63 2.59
C GLY A 12 -23.79 -20.39 1.79
N ASP A 13 -22.95 -19.36 1.89
CA ASP A 13 -23.19 -18.13 1.13
C ASP A 13 -23.16 -18.38 -0.37
N SER A 14 -24.00 -17.65 -1.09
CA SER A 14 -23.89 -17.51 -2.53
C SER A 14 -23.76 -16.02 -2.82
N ILE A 15 -23.37 -15.67 -4.04
CA ILE A 15 -23.25 -14.26 -4.37
C ILE A 15 -24.64 -13.62 -4.29
N TYR A 16 -25.67 -14.41 -4.50
CA TYR A 16 -27.04 -13.90 -4.46
C TYR A 16 -27.58 -13.76 -3.03
N SER A 17 -27.17 -14.63 -2.11
CA SER A 17 -27.60 -14.46 -0.73
C SER A 17 -26.89 -13.23 -0.13
N ILE A 18 -25.66 -12.97 -0.57
CA ILE A 18 -24.93 -11.80 -0.12
C ILE A 18 -25.57 -10.54 -0.69
N ALA A 19 -25.92 -10.58 -1.97
CA ALA A 19 -26.62 -9.47 -2.62
C ALA A 19 -27.91 -9.14 -1.88
N LYS A 20 -28.67 -10.15 -1.52
CA LYS A 20 -29.94 -9.96 -0.82
C LYS A 20 -29.72 -9.33 0.55
N GLN A 21 -28.69 -9.79 1.24
CA GLN A 21 -28.35 -9.32 2.59
C GLN A 21 -28.08 -7.81 2.62
N PHE A 22 -27.39 -7.31 1.60
CA PHE A 22 -26.99 -5.91 1.53
C PHE A 22 -27.87 -5.09 0.59
N ARG A 23 -28.91 -5.73 0.06
CA ARG A 23 -29.87 -5.06 -0.84
C ARG A 23 -29.17 -4.29 -1.95
N ILE A 24 -28.23 -4.96 -2.60
CA ILE A 24 -27.48 -4.39 -3.71
C ILE A 24 -27.38 -5.47 -4.77
N ASP A 25 -27.33 -5.08 -6.03
CA ASP A 25 -27.29 -6.07 -7.10
C ASP A 25 -25.99 -6.85 -7.07
N ALA A 26 -26.08 -8.15 -7.30
CA ALA A 26 -24.91 -9.03 -7.31
C ALA A 26 -23.87 -8.55 -8.33
N GLY A 27 -24.34 -8.00 -9.45
CA GLY A 27 -23.46 -7.50 -10.48
C GLY A 27 -22.51 -6.42 -9.97
N LYS A 28 -23.01 -5.56 -9.08
CA LYS A 28 -22.20 -4.48 -8.54
C LYS A 28 -21.09 -5.05 -7.64
N ILE A 29 -21.44 -6.06 -6.85
CA ILE A 29 -20.48 -6.72 -5.98
C ILE A 29 -19.40 -7.42 -6.81
N ILE A 30 -19.84 -8.15 -7.83
CA ILE A 30 -18.91 -8.90 -8.67
C ILE A 30 -17.95 -7.96 -9.39
N ARG A 31 -18.48 -6.87 -9.95
CA ARG A 31 -17.64 -5.92 -10.69
C ARG A 31 -16.64 -5.20 -9.78
N ALA A 32 -17.12 -4.71 -8.65
CA ALA A 32 -16.27 -3.93 -7.75
C ALA A 32 -15.10 -4.76 -7.23
N ASN A 33 -15.39 -6.02 -6.93
CA ASN A 33 -14.40 -6.93 -6.40
C ASN A 33 -13.70 -7.78 -7.46
N GLU A 34 -14.06 -7.57 -8.72
CA GLU A 34 -13.55 -8.35 -9.85
C GLU A 34 -13.49 -9.84 -9.47
N LEU A 35 -14.61 -10.36 -8.96
CA LEU A 35 -14.61 -11.69 -8.37
C LEU A 35 -14.19 -12.74 -9.38
N PRO A 36 -13.10 -13.48 -9.09
CA PRO A 36 -12.70 -14.54 -10.01
C PRO A 36 -13.58 -15.78 -9.89
N ASN A 37 -14.32 -15.89 -8.78
CA ASN A 37 -15.01 -17.12 -8.41
C ASN A 37 -16.43 -16.89 -7.93
N PRO A 38 -17.25 -16.17 -8.72
CA PRO A 38 -18.56 -15.76 -8.20
C PRO A 38 -19.52 -16.92 -7.92
N ASN A 39 -19.29 -18.09 -8.53
CA ASN A 39 -20.11 -19.28 -8.26
C ASN A 39 -19.39 -20.32 -7.40
N GLN A 40 -18.19 -19.98 -6.94
CA GLN A 40 -17.40 -20.85 -6.07
C GLN A 40 -16.74 -20.03 -4.98
N LEU A 41 -17.56 -19.31 -4.21
CA LEU A 41 -17.05 -18.47 -3.15
C LEU A 41 -16.34 -19.30 -2.09
N VAL A 42 -15.25 -18.75 -1.58
CA VAL A 42 -14.42 -19.43 -0.58
C VAL A 42 -14.73 -18.90 0.81
N ILE A 43 -14.96 -19.80 1.76
CA ILE A 43 -15.14 -19.40 3.15
C ILE A 43 -13.88 -18.68 3.62
N GLY A 44 -14.06 -17.46 4.14
CA GLY A 44 -12.95 -16.64 4.60
C GLY A 44 -12.51 -15.60 3.58
N GLN A 45 -13.00 -15.72 2.36
CA GLN A 45 -12.78 -14.71 1.33
C GLN A 45 -13.45 -13.40 1.75
N SER A 46 -12.75 -12.27 1.60
CA SER A 46 -13.38 -10.99 1.98
C SER A 46 -13.60 -10.11 0.76
N MET A 47 -14.69 -9.36 0.81
CA MET A 47 -15.07 -8.47 -0.27
C MET A 47 -15.58 -7.15 0.31
N VAL A 48 -15.52 -6.11 -0.52
CA VAL A 48 -16.06 -4.81 -0.18
C VAL A 48 -17.42 -4.67 -0.85
N ILE A 49 -18.42 -4.28 -0.07
CA ILE A 49 -19.75 -4.02 -0.60
C ILE A 49 -19.78 -2.59 -1.12
N PRO A 50 -20.00 -2.41 -2.44
CA PRO A 50 -19.80 -1.09 -3.05
C PRO A 50 -20.97 -0.12 -2.86
N ILE A 51 -20.95 0.61 -1.75
CA ILE A 51 -21.90 1.69 -1.54
C ILE A 51 -21.21 2.84 -0.82
N ASN A 52 -21.90 3.98 -0.75
CA ASN A 52 -21.46 5.08 0.09
C ASN A 52 -22.02 4.88 1.48
N GLY A 53 -21.13 4.78 2.46
CA GLY A 53 -21.52 4.56 3.84
C GLY A 53 -21.30 3.12 4.26
N THR A 54 -22.01 2.71 5.31
CA THR A 54 -21.82 1.39 5.90
C THR A 54 -23.15 0.88 6.42
N TYR A 55 -23.17 -0.36 6.87
CA TYR A 55 -24.41 -0.99 7.32
C TYR A 55 -24.48 -1.14 8.84
N TYR A 56 -25.67 -0.91 9.37
CA TYR A 56 -25.97 -1.13 10.77
C TYR A 56 -26.94 -2.29 10.88
N THR A 57 -26.63 -3.25 11.75
CA THR A 57 -27.50 -4.39 11.97
C THR A 57 -28.61 -4.01 12.95
N VAL A 58 -29.86 -4.20 12.53
CA VAL A 58 -31.01 -3.80 13.34
C VAL A 58 -31.12 -4.66 14.60
N LYS A 59 -31.36 -3.99 15.72
CA LYS A 59 -31.63 -4.67 16.99
C LYS A 59 -33.09 -4.53 17.39
N ALA A 60 -33.48 -5.26 18.44
CA ALA A 60 -34.87 -5.43 18.83
C ALA A 60 -35.65 -4.13 19.04
N GLY A 61 -34.97 -3.08 19.50
CA GLY A 61 -35.63 -1.85 19.90
C GLY A 61 -35.61 -0.72 18.89
N ASP A 62 -34.98 -0.96 17.74
CA ASP A 62 -34.56 0.14 16.84
C ASP A 62 -35.66 0.75 15.97
N THR A 63 -35.46 2.03 15.67
CA THR A 63 -36.33 2.81 14.77
C THR A 63 -35.42 3.79 14.03
N ILE A 64 -35.95 4.56 13.07
CA ILE A 64 -35.09 5.36 12.20
C ILE A 64 -34.74 6.74 12.76
N TRP A 65 -35.73 7.51 13.23
CA TRP A 65 -35.43 8.80 13.87
C TRP A 65 -34.52 8.54 15.05
N LYS A 66 -34.71 7.38 15.68
CA LYS A 66 -33.85 6.90 16.76
C LYS A 66 -32.40 6.73 16.29
N VAL A 67 -32.18 5.88 15.29
CA VAL A 67 -30.83 5.60 14.81
C VAL A 67 -30.14 6.90 14.38
N GLY A 68 -30.94 7.86 13.92
CA GLY A 68 -30.43 9.18 13.60
C GLY A 68 -29.83 9.87 14.81
N ARG A 69 -30.48 9.73 15.97
CA ARG A 69 -30.00 10.35 17.20
C ARG A 69 -28.88 9.54 17.84
N LYS A 70 -28.97 8.21 17.72
CA LYS A 70 -27.99 7.33 18.34
C LYS A 70 -26.65 7.44 17.62
N LEU A 71 -26.73 7.67 16.32
CA LEU A 71 -25.56 8.02 15.53
C LEU A 71 -25.57 9.54 15.36
N GLY A 72 -24.79 10.05 14.42
CA GLY A 72 -24.75 11.48 14.16
C GLY A 72 -25.24 11.80 12.77
N VAL A 73 -26.40 11.24 12.41
CA VAL A 73 -26.85 11.25 11.04
C VAL A 73 -28.31 11.70 10.88
N SER A 74 -28.57 12.48 9.84
CA SER A 74 -29.91 12.91 9.49
C SER A 74 -30.84 11.72 9.30
N TYR A 75 -32.03 11.79 9.90
CA TYR A 75 -32.98 10.69 9.83
C TYR A 75 -33.55 10.55 8.42
N GLN A 76 -33.69 11.67 7.72
CA GLN A 76 -34.18 11.64 6.35
C GLN A 76 -33.16 10.95 5.45
N ALA A 77 -31.89 11.10 5.79
CA ALA A 77 -30.82 10.47 5.02
C ALA A 77 -30.87 8.95 5.17
N ILE A 78 -31.02 8.48 6.40
CA ILE A 78 -31.14 7.05 6.66
C ILE A 78 -32.36 6.49 5.93
N ALA A 79 -33.50 7.14 6.11
CA ALA A 79 -34.75 6.70 5.48
C ALA A 79 -34.60 6.60 3.96
N ASN A 80 -34.07 7.66 3.36
CA ASN A 80 -33.90 7.70 1.91
C ASN A 80 -32.91 6.66 1.41
N ALA A 81 -31.85 6.43 2.18
CA ALA A 81 -30.82 5.48 1.81
C ALA A 81 -31.35 4.05 1.82
N ASN A 82 -32.41 3.83 2.59
CA ASN A 82 -33.01 2.49 2.72
C ASN A 82 -34.36 2.36 2.01
N ASN A 83 -34.81 3.43 1.35
CA ASN A 83 -36.08 3.43 0.64
C ASN A 83 -37.23 3.02 1.56
N VAL A 84 -37.34 3.68 2.71
CA VAL A 84 -38.43 3.43 3.64
C VAL A 84 -38.98 4.73 4.20
N SER A 85 -40.23 4.68 4.65
CA SER A 85 -40.81 5.78 5.41
C SER A 85 -40.01 5.95 6.69
N VAL A 86 -39.98 7.16 7.24
CA VAL A 86 -39.22 7.40 8.46
C VAL A 86 -39.83 6.64 9.63
N THR A 87 -41.16 6.54 9.61
CA THR A 87 -41.89 5.82 10.65
C THR A 87 -42.03 4.33 10.29
N ALA A 88 -41.11 3.83 9.47
CA ALA A 88 -41.16 2.44 9.04
C ALA A 88 -40.59 1.52 10.10
N PRO A 89 -41.32 0.44 10.44
CA PRO A 89 -40.79 -0.63 11.28
C PRO A 89 -39.44 -1.16 10.80
N LEU A 90 -38.65 -1.67 11.74
CA LEU A 90 -37.33 -2.24 11.43
C LEU A 90 -37.26 -3.66 11.94
N THR A 91 -36.93 -4.59 11.05
CA THR A 91 -36.82 -6.00 11.40
C THR A 91 -35.45 -6.32 12.00
N PRO A 92 -35.41 -6.77 13.27
CA PRO A 92 -34.13 -7.12 13.89
C PRO A 92 -33.34 -8.17 13.12
N GLY A 93 -32.01 -8.04 13.11
CA GLY A 93 -31.15 -9.00 12.46
C GLY A 93 -30.81 -8.63 11.02
N ARG A 94 -31.60 -7.73 10.44
CA ARG A 94 -31.37 -7.28 9.08
C ARG A 94 -30.53 -6.00 9.10
N ARG A 95 -29.94 -5.67 7.95
CA ARG A 95 -29.05 -4.53 7.85
C ARG A 95 -29.75 -3.31 7.27
N ILE A 96 -29.48 -2.13 7.84
CA ILE A 96 -29.91 -0.88 7.23
C ILE A 96 -28.69 -0.02 6.91
N LEU A 97 -28.74 0.65 5.77
CA LEU A 97 -27.63 1.47 5.31
C LEU A 97 -27.58 2.80 6.06
N ILE A 98 -26.39 3.16 6.53
CA ILE A 98 -26.15 4.45 7.14
C ILE A 98 -25.25 5.26 6.20
N PRO A 99 -25.69 6.44 5.77
CA PRO A 99 -24.84 7.22 4.86
C PRO A 99 -23.51 7.61 5.51
N PRO A 100 -22.48 7.86 4.69
CA PRO A 100 -21.13 8.11 5.21
C PRO A 100 -21.00 9.48 5.88
N SER A 101 -20.08 9.60 6.82
CA SER A 101 -19.78 10.89 7.42
C SER A 101 -19.19 11.78 6.32
N PRO A 102 -19.49 13.09 6.38
CA PRO A 102 -19.04 13.99 5.32
C PRO A 102 -17.52 14.15 5.31
N ASN A 103 -16.88 13.78 6.41
CA ASN A 103 -15.48 14.11 6.65
C ASN A 103 -14.54 12.92 6.58
N LYS A 104 -13.92 12.72 5.42
CA LYS A 104 -12.75 11.85 5.30
C LYS A 104 -11.51 12.71 5.45
N ARG A 105 -10.50 12.23 6.15
CA ARG A 105 -9.24 12.95 6.21
C ARG A 105 -8.46 12.76 4.91
N ASN A 106 -7.58 13.71 4.62
CA ASN A 106 -6.73 13.64 3.44
C ASN A 106 -5.63 12.59 3.60
N GLY A 107 -5.22 11.98 2.49
CA GLY A 107 -4.11 11.05 2.48
C GLY A 107 -3.33 11.18 1.19
N GLU A 108 -2.00 11.01 1.27
CA GLU A 108 -1.15 10.95 0.09
C GLU A 108 -0.76 9.51 -0.18
N PHE A 109 -0.83 9.09 -1.43
CA PHE A 109 -0.54 7.71 -1.79
C PHE A 109 0.47 7.64 -2.91
N LEU A 110 1.41 6.72 -2.74
CA LEU A 110 2.55 6.58 -3.64
C LEU A 110 2.55 5.18 -4.22
N GLY A 111 2.80 5.09 -5.52
CA GLY A 111 2.86 3.81 -6.20
C GLY A 111 4.19 3.63 -6.90
N TYR A 112 4.90 2.55 -6.58
CA TYR A 112 6.10 2.16 -7.31
C TYR A 112 5.73 1.23 -8.44
N VAL A 113 6.35 1.44 -9.61
CA VAL A 113 6.22 0.51 -10.73
C VAL A 113 7.57 -0.09 -11.03
N GLU A 114 7.69 -1.41 -10.91
CA GLU A 114 8.98 -2.05 -11.18
C GLU A 114 9.16 -2.22 -12.68
N THR A 115 10.06 -1.44 -13.28
CA THR A 115 10.31 -1.53 -14.72
C THR A 115 11.74 -1.93 -15.05
N SER A 116 12.67 -1.78 -14.11
CA SER A 116 14.05 -2.20 -14.35
C SER A 116 14.09 -3.64 -14.85
N ASN A 117 14.78 -3.86 -15.96
CA ASN A 117 14.96 -5.20 -16.54
C ASN A 117 13.65 -5.85 -16.97
N ARG A 118 12.67 -5.03 -17.29
CA ARG A 118 11.34 -5.52 -17.67
C ARG A 118 10.75 -4.74 -18.83
N LYS A 119 9.78 -5.34 -19.50
CA LYS A 119 8.99 -4.68 -20.52
C LYS A 119 7.52 -4.85 -20.18
N ILE A 120 6.98 -3.91 -19.42
CA ILE A 120 5.61 -4.07 -18.94
C ILE A 120 4.64 -3.95 -20.09
N THR A 121 3.50 -4.62 -19.95
CA THR A 121 2.56 -4.81 -21.04
C THR A 121 1.51 -3.70 -21.10
N PRO A 122 0.80 -3.61 -22.22
CA PRO A 122 -0.35 -2.69 -22.30
C PRO A 122 -1.39 -2.97 -21.21
N GLN A 123 -1.67 -4.25 -20.95
CA GLN A 123 -2.59 -4.63 -19.88
C GLN A 123 -2.14 -4.10 -18.53
N THR A 124 -0.85 -4.27 -18.22
CA THR A 124 -0.32 -3.77 -16.97
C THR A 124 -0.45 -2.25 -16.89
N GLU A 125 -0.19 -1.57 -18.00
CA GLU A 125 -0.25 -0.11 -18.00
C GLU A 125 -1.68 0.39 -17.84
N LYS A 126 -2.62 -0.32 -18.48
CA LYS A 126 -4.03 -0.02 -18.32
C LYS A 126 -4.42 -0.07 -16.85
N MET A 127 -3.94 -1.10 -16.16
CA MET A 127 -4.16 -1.25 -14.74
C MET A 127 -3.55 -0.10 -13.93
N ILE A 128 -2.30 0.23 -14.23
CA ILE A 128 -1.61 1.31 -13.54
C ILE A 128 -2.36 2.63 -13.75
N ASN A 129 -2.88 2.85 -14.95
CA ASN A 129 -3.62 4.07 -15.25
C ASN A 129 -4.90 4.16 -14.40
N GLN A 130 -5.53 3.02 -14.17
CA GLN A 130 -6.70 2.96 -13.29
C GLN A 130 -6.30 3.29 -11.84
N ASN A 131 -5.22 2.66 -11.38
CA ASN A 131 -4.70 2.89 -10.04
C ASN A 131 -4.35 4.36 -9.79
N ALA A 132 -3.82 5.01 -10.82
CA ALA A 132 -3.30 6.37 -10.70
C ALA A 132 -4.38 7.38 -10.27
N LYS A 133 -5.64 7.06 -10.54
CA LYS A 133 -6.74 7.88 -10.06
C LYS A 133 -6.62 8.10 -8.55
N TYR A 134 -6.13 7.08 -7.86
CA TYR A 134 -6.07 7.06 -6.40
C TYR A 134 -4.72 7.47 -5.82
N LEU A 135 -3.82 7.98 -6.66
CA LEU A 135 -2.45 8.23 -6.23
C LEU A 135 -2.06 9.71 -6.22
N THR A 136 -1.09 10.02 -5.36
CA THR A 136 -0.50 11.34 -5.27
C THR A 136 0.86 11.36 -5.98
N TYR A 137 1.60 10.25 -5.87
CA TYR A 137 2.89 10.05 -6.52
C TYR A 137 2.94 8.72 -7.23
N LEU A 138 3.67 8.65 -8.34
CA LEU A 138 4.00 7.37 -8.94
C LEU A 138 5.27 7.49 -9.77
N GLY A 139 6.04 6.41 -9.83
CA GLY A 139 7.23 6.40 -10.64
C GLY A 139 7.87 5.03 -10.75
N PRO A 140 8.78 4.87 -11.73
CA PRO A 140 9.45 3.59 -11.96
C PRO A 140 10.62 3.32 -11.03
N ALA A 141 10.71 2.08 -10.57
CA ALA A 141 11.87 1.58 -9.85
C ALA A 141 12.78 0.83 -10.83
N ASN A 142 14.06 1.19 -10.98
CA ASN A 142 14.75 2.32 -10.34
C ASN A 142 15.71 2.97 -11.32
N PHE A 143 16.06 4.22 -11.04
CA PHE A 143 17.29 4.80 -11.57
C PHE A 143 18.45 4.30 -10.72
N GLU A 144 19.37 3.58 -11.33
CA GLU A 144 20.52 3.06 -10.61
C GLU A 144 21.66 4.06 -10.65
N VAL A 145 22.03 4.58 -9.47
CA VAL A 145 23.09 5.57 -9.39
C VAL A 145 24.43 4.86 -9.53
N GLN A 146 25.28 5.42 -10.38
CA GLN A 146 26.59 4.87 -10.68
C GLN A 146 27.66 5.56 -9.85
N LYS A 147 28.79 4.91 -9.68
CA LYS A 147 29.85 5.41 -8.81
C LYS A 147 30.44 6.72 -9.34
N ASP A 148 30.26 7.00 -10.62
CA ASP A 148 30.78 8.22 -11.23
C ASP A 148 29.73 9.34 -11.25
N GLY A 149 28.56 9.07 -10.69
CA GLY A 149 27.52 10.07 -10.58
C GLY A 149 26.52 10.07 -11.72
N SER A 150 26.74 9.21 -12.71
CA SER A 150 25.79 9.05 -13.80
C SER A 150 24.60 8.20 -13.33
N LEU A 151 23.56 8.18 -14.15
CA LEU A 151 22.34 7.43 -13.85
C LEU A 151 22.04 6.40 -14.93
N LYS A 152 21.72 5.18 -14.52
CA LYS A 152 21.17 4.18 -15.44
C LYS A 152 19.67 4.22 -15.29
N ALA A 153 19.00 4.77 -16.29
CA ALA A 153 17.56 4.97 -16.23
C ALA A 153 16.80 3.67 -16.48
N PRO A 154 15.68 3.48 -15.76
CA PRO A 154 14.83 2.34 -16.06
C PRO A 154 13.93 2.65 -17.25
N PRO A 155 13.24 1.65 -17.80
CA PRO A 155 12.19 1.96 -18.78
C PRO A 155 11.15 2.87 -18.16
N LEU A 156 10.71 3.89 -18.90
CA LEU A 156 9.71 4.82 -18.39
C LEU A 156 8.32 4.49 -18.91
N ASN A 157 8.28 3.61 -19.91
CA ASN A 157 7.06 3.20 -20.59
C ASN A 157 6.08 4.36 -20.78
N ASN A 158 4.85 4.24 -20.30
CA ASN A 158 3.86 5.34 -20.33
C ASN A 158 3.60 6.00 -18.98
N LEU A 159 4.54 5.93 -18.05
CA LEU A 159 4.26 6.36 -16.68
C LEU A 159 4.17 7.88 -16.54
N GLY A 160 4.98 8.61 -17.30
CA GLY A 160 4.91 10.06 -17.30
C GLY A 160 3.54 10.55 -17.74
N SER A 161 3.01 9.95 -18.80
CA SER A 161 1.69 10.32 -19.29
C SER A 161 0.60 9.93 -18.29
N ILE A 162 0.68 8.71 -17.77
CA ILE A 162 -0.29 8.25 -16.78
C ILE A 162 -0.31 9.22 -15.59
N ALA A 163 0.88 9.61 -15.14
CA ALA A 163 0.97 10.55 -14.01
C ALA A 163 0.32 11.88 -14.35
N LYS A 164 0.70 12.46 -15.50
CA LYS A 164 0.18 13.75 -15.94
C LYS A 164 -1.34 13.76 -16.04
N GLU A 165 -1.89 12.74 -16.69
CA GLU A 165 -3.33 12.71 -16.94
C GLU A 165 -4.15 12.50 -15.67
N ASN A 166 -3.52 11.97 -14.62
CA ASN A 166 -4.22 11.71 -13.36
C ASN A 166 -3.80 12.66 -12.24
N ASP A 167 -3.14 13.75 -12.62
CA ASP A 167 -2.73 14.80 -11.69
C ASP A 167 -1.83 14.22 -10.59
N VAL A 168 -0.95 13.31 -11.00
CA VAL A 168 0.00 12.64 -10.11
C VAL A 168 1.41 13.20 -10.31
N ILE A 169 2.11 13.42 -9.19
CA ILE A 169 3.50 13.82 -9.21
C ILE A 169 4.36 12.65 -9.72
N PHE A 170 5.12 12.90 -10.79
CA PHE A 170 6.01 11.89 -11.35
C PHE A 170 7.25 11.79 -10.45
N LEU A 171 7.53 10.58 -9.98
CA LEU A 171 8.51 10.38 -8.92
C LEU A 171 9.76 9.65 -9.42
N MET A 172 10.91 10.22 -9.10
CA MET A 172 12.20 9.67 -9.53
C MET A 172 12.82 8.86 -8.41
N VAL A 173 12.88 7.54 -8.60
CA VAL A 173 13.44 6.64 -7.60
C VAL A 173 14.92 6.41 -7.87
N LEU A 174 15.77 6.87 -6.95
CA LEU A 174 17.22 6.72 -7.06
C LEU A 174 17.72 5.66 -6.09
N ALA A 175 18.40 4.64 -6.61
CA ALA A 175 18.88 3.54 -5.78
C ALA A 175 20.34 3.18 -6.06
N ASN A 176 21.06 2.86 -5.00
CA ASN A 176 22.45 2.41 -5.12
C ASN A 176 22.50 0.91 -5.39
N ILE A 177 22.04 0.53 -6.57
CA ILE A 177 21.93 -0.88 -6.95
C ILE A 177 22.93 -1.22 -8.05
N GLU A 178 23.63 -2.34 -7.83
CA GLU A 178 24.60 -2.86 -8.79
C GLU A 178 24.44 -4.38 -8.86
N ASN A 179 24.37 -4.90 -10.09
CA ASN A 179 24.21 -6.34 -10.31
C ASN A 179 22.97 -6.89 -9.60
N GLY A 180 21.94 -6.07 -9.48
CA GLY A 180 20.66 -6.49 -8.93
C GLY A 180 20.60 -6.48 -7.41
N ALA A 181 21.55 -5.84 -6.76
CA ALA A 181 21.56 -5.76 -5.30
C ALA A 181 22.06 -4.41 -4.82
N PHE A 182 21.63 -4.02 -3.63
CA PHE A 182 22.12 -2.79 -3.01
C PHE A 182 23.61 -2.92 -2.70
N SER A 183 24.35 -1.86 -3.00
CA SER A 183 25.81 -1.87 -2.85
C SER A 183 26.31 -0.79 -1.90
N ASP A 184 26.93 -1.21 -0.80
CA ASP A 184 27.55 -0.27 0.13
C ASP A 184 28.72 0.45 -0.54
N GLU A 185 29.33 -0.19 -1.52
CA GLU A 185 30.47 0.39 -2.23
C GLU A 185 30.03 1.56 -3.10
N VAL A 186 28.92 1.40 -3.83
CA VAL A 186 28.37 2.50 -4.59
C VAL A 186 28.00 3.65 -3.65
N GLY A 187 27.46 3.30 -2.49
CA GLY A 187 27.15 4.29 -1.48
C GLY A 187 28.38 5.05 -1.03
N ARG A 188 29.45 4.32 -0.77
CA ARG A 188 30.71 4.91 -0.32
C ARG A 188 31.28 5.87 -1.35
N ALA A 189 31.26 5.46 -2.62
CA ALA A 189 31.84 6.25 -3.70
C ALA A 189 31.15 7.61 -3.83
N ILE A 190 29.81 7.61 -3.75
CA ILE A 190 29.06 8.85 -3.88
C ILE A 190 29.14 9.72 -2.63
N LEU A 191 28.97 9.11 -1.47
CA LEU A 191 28.82 9.88 -0.24
C LEU A 191 30.15 10.45 0.26
N ASN A 192 31.27 9.98 -0.29
CA ASN A 192 32.58 10.46 0.13
C ASN A 192 33.34 11.22 -0.97
N ASN A 193 32.63 11.58 -2.04
CA ASN A 193 33.23 12.33 -3.14
C ASN A 193 32.29 13.47 -3.55
N LYS A 194 32.66 14.69 -3.21
CA LYS A 194 31.79 15.84 -3.45
C LYS A 194 31.63 16.17 -4.93
N ASP A 195 32.68 15.92 -5.72
CA ASP A 195 32.59 16.11 -7.16
C ASP A 195 31.56 15.17 -7.78
N VAL A 196 31.56 13.93 -7.34
CA VAL A 196 30.59 12.94 -7.80
C VAL A 196 29.17 13.33 -7.41
N GLN A 197 29.03 13.89 -6.21
CA GLN A 197 27.72 14.33 -5.72
C GLN A 197 27.17 15.46 -6.59
N ASP A 198 28.05 16.39 -6.96
CA ASP A 198 27.65 17.49 -7.82
C ASP A 198 27.24 16.98 -9.20
N THR A 199 28.00 16.05 -9.75
CA THR A 199 27.66 15.44 -11.03
C THR A 199 26.32 14.71 -10.92
N LEU A 200 26.13 13.97 -9.84
CA LEU A 200 24.88 13.25 -9.59
C LEU A 200 23.69 14.20 -9.54
N LEU A 201 23.81 15.28 -8.77
CA LEU A 201 22.72 16.23 -8.63
C LEU A 201 22.42 16.93 -9.96
N ASN A 202 23.46 17.22 -10.75
CA ASN A 202 23.24 17.76 -12.08
C ASN A 202 22.43 16.80 -12.94
N ASN A 203 22.76 15.52 -12.88
CA ASN A 203 22.06 14.53 -13.68
C ASN A 203 20.61 14.36 -13.21
N ILE A 204 20.41 14.41 -11.90
CA ILE A 204 19.07 14.34 -11.32
C ILE A 204 18.22 15.51 -11.81
N VAL A 205 18.75 16.73 -11.72
CA VAL A 205 17.98 17.90 -12.08
C VAL A 205 17.70 17.92 -13.57
N LYS A 206 18.70 17.55 -14.37
CA LYS A 206 18.55 17.50 -15.82
C LYS A 206 17.47 16.50 -16.21
N THR A 207 17.53 15.31 -15.62
CA THR A 207 16.54 14.26 -15.87
C THR A 207 15.15 14.70 -15.42
N ALA A 208 15.08 15.36 -14.27
CA ALA A 208 13.80 15.82 -13.74
C ALA A 208 13.14 16.82 -14.68
N LYS A 209 13.92 17.74 -15.24
CA LYS A 209 13.34 18.72 -16.15
C LYS A 209 12.92 18.08 -17.46
N GLU A 210 13.72 17.11 -17.93
CA GLU A 210 13.42 16.45 -19.20
C GLU A 210 12.12 15.64 -19.15
N GLN A 211 11.82 15.05 -17.99
CA GLN A 211 10.68 14.13 -17.86
C GLN A 211 9.58 14.70 -16.96
N ASN A 212 9.80 15.89 -16.42
CA ASN A 212 8.94 16.51 -15.42
C ASN A 212 8.72 15.62 -14.20
N PHE A 213 9.80 15.02 -13.71
CA PHE A 213 9.80 14.47 -12.35
C PHE A 213 9.70 15.63 -11.37
N ARG A 214 8.84 15.51 -10.36
CA ARG A 214 8.68 16.60 -9.41
C ARG A 214 8.86 16.16 -7.95
N ASP A 215 9.13 14.88 -7.75
CA ASP A 215 9.67 14.43 -6.47
C ASP A 215 10.89 13.55 -6.73
N ILE A 216 11.96 13.82 -5.99
CA ILE A 216 13.19 13.05 -6.05
C ILE A 216 13.25 12.16 -4.82
N HIS A 217 13.21 10.86 -5.05
CA HIS A 217 13.12 9.88 -3.97
C HIS A 217 14.44 9.10 -3.83
N PHE A 218 15.15 9.36 -2.75
CA PHE A 218 16.40 8.66 -2.49
C PHE A 218 16.16 7.35 -1.76
N ASP A 219 16.41 6.25 -2.45
CA ASP A 219 16.32 4.92 -1.85
C ASP A 219 17.72 4.32 -1.74
N PHE A 220 18.52 4.88 -0.85
CA PHE A 220 19.87 4.38 -0.57
C PHE A 220 19.82 3.44 0.62
N GLU A 221 20.15 2.17 0.39
CA GLU A 221 20.05 1.15 1.43
C GLU A 221 21.33 0.35 1.52
N PHE A 222 21.52 -0.30 2.66
CA PHE A 222 22.72 -1.10 2.94
C PHE A 222 23.97 -0.26 2.80
N LEU A 223 23.90 0.98 3.30
CA LEU A 223 25.07 1.84 3.37
C LEU A 223 25.95 1.40 4.52
N ARG A 224 27.25 1.66 4.42
CA ARG A 224 28.16 1.40 5.52
C ARG A 224 27.69 2.22 6.72
N PRO A 225 27.71 1.61 7.93
CA PRO A 225 27.48 2.42 9.13
C PRO A 225 28.38 3.65 9.17
N ALA A 226 29.60 3.51 8.65
CA ALA A 226 30.59 4.59 8.63
C ALA A 226 30.12 5.79 7.80
N ASP A 227 29.20 5.55 6.87
CA ASP A 227 28.73 6.61 5.98
C ASP A 227 27.43 7.25 6.46
N LYS A 228 27.06 7.00 7.71
CA LYS A 228 25.84 7.57 8.28
C LYS A 228 25.81 9.09 8.18
N GLU A 229 26.87 9.73 8.67
CA GLU A 229 26.95 11.18 8.69
C GLU A 229 27.07 11.73 7.27
N ALA A 230 27.80 11.01 6.42
CA ALA A 230 28.00 11.42 5.04
C ALA A 230 26.69 11.44 4.27
N TYR A 231 25.80 10.50 4.59
CA TYR A 231 24.50 10.44 3.93
C TYR A 231 23.69 11.70 4.29
N ILE A 232 23.69 12.05 5.57
CA ILE A 232 22.99 13.25 6.02
C ILE A 232 23.53 14.49 5.32
N ALA A 233 24.85 14.61 5.25
CA ALA A 233 25.47 15.76 4.61
C ALA A 233 25.05 15.83 3.14
N PHE A 234 25.03 14.68 2.47
CA PHE A 234 24.63 14.64 1.06
C PHE A 234 23.17 15.05 0.90
N LEU A 235 22.30 14.55 1.79
CA LEU A 235 20.88 14.87 1.71
C LEU A 235 20.65 16.35 1.96
N GLN A 236 21.44 16.95 2.86
CA GLN A 236 21.36 18.39 3.11
C GLN A 236 21.73 19.16 1.85
N LYS A 237 22.82 18.73 1.21
CA LYS A 237 23.28 19.30 -0.05
C LYS A 237 22.21 19.16 -1.13
N ALA A 238 21.67 17.94 -1.25
CA ALA A 238 20.61 17.66 -2.22
C ALA A 238 19.37 18.53 -1.95
N LYS A 239 19.00 18.69 -0.69
CA LYS A 239 17.79 19.42 -0.34
C LYS A 239 17.84 20.87 -0.83
N LYS A 240 18.97 21.52 -0.62
CA LYS A 240 19.15 22.90 -1.05
C LYS A 240 19.01 22.99 -2.56
N ARG A 241 19.70 22.10 -3.26
CA ARG A 241 19.67 22.06 -4.71
C ARG A 241 18.26 21.84 -5.26
N LEU A 242 17.56 20.86 -4.70
CA LEU A 242 16.24 20.51 -5.19
C LEU A 242 15.18 21.57 -4.87
N GLN A 243 15.25 22.17 -3.68
CA GLN A 243 14.31 23.22 -3.31
C GLN A 243 14.45 24.42 -4.26
N ASP A 244 15.70 24.70 -4.66
CA ASP A 244 15.96 25.78 -5.62
C ASP A 244 15.32 25.50 -6.98
N GLU A 245 15.08 24.22 -7.28
CA GLU A 245 14.47 23.83 -8.55
C GLU A 245 12.99 23.50 -8.40
N GLN A 246 12.41 23.85 -7.24
CA GLN A 246 11.02 23.54 -6.91
C GLN A 246 10.74 22.04 -7.05
N LEU A 247 11.69 21.22 -6.63
CA LEU A 247 11.53 19.77 -6.58
C LEU A 247 11.31 19.31 -5.14
N LEU A 248 10.37 18.40 -4.95
CA LEU A 248 10.19 17.75 -3.66
C LEU A 248 11.28 16.71 -3.46
N MET A 249 11.62 16.45 -2.20
CA MET A 249 12.61 15.45 -1.85
C MET A 249 12.04 14.48 -0.82
N SER A 250 12.15 13.20 -1.11
CA SER A 250 11.74 12.16 -0.19
C SER A 250 12.83 11.11 -0.03
N VAL A 251 12.76 10.37 1.07
CA VAL A 251 13.82 9.42 1.42
C VAL A 251 13.23 8.14 1.98
N ALA A 252 13.74 7.01 1.49
CA ALA A 252 13.38 5.70 2.02
C ALA A 252 14.17 5.41 3.29
N LEU A 253 13.49 4.83 4.28
CA LEU A 253 14.12 4.48 5.53
C LEU A 253 14.04 2.97 5.78
N ALA A 254 15.14 2.39 6.22
CA ALA A 254 15.14 1.01 6.67
C ALA A 254 14.25 0.94 7.89
N PRO A 255 13.47 -0.15 8.04
CA PRO A 255 12.59 -0.24 9.20
C PRO A 255 13.39 -0.42 10.49
N LYS A 256 13.24 0.52 11.41
CA LYS A 256 13.94 0.47 12.70
C LYS A 256 12.93 0.63 13.83
N THR A 257 13.30 0.19 15.03
CA THR A 257 12.43 0.30 16.19
C THR A 257 13.12 1.05 17.34
N SER A 258 14.37 1.44 17.14
CA SER A 258 15.11 2.24 18.13
C SER A 258 16.25 3.02 17.49
N ARG A 259 16.70 4.07 18.17
CA ARG A 259 17.66 5.01 17.61
C ARG A 259 19.06 4.42 17.43
N ASP A 260 19.47 3.57 18.37
CA ASP A 260 20.82 2.99 18.33
C ASP A 260 20.78 1.50 17.99
N GLN A 261 19.82 1.12 17.14
CA GLN A 261 19.75 -0.24 16.61
C GLN A 261 20.87 -0.45 15.59
N LYS A 262 21.65 -1.52 15.77
CA LYS A 262 22.83 -1.76 14.95
C LYS A 262 22.57 -2.75 13.83
N GLY A 263 23.48 -2.77 12.84
CA GLY A 263 23.34 -3.62 11.67
C GLY A 263 23.59 -2.83 10.39
N LYS A 264 24.25 -3.46 9.43
CA LYS A 264 24.64 -2.80 8.18
C LYS A 264 23.44 -2.18 7.46
N TRP A 265 22.25 -2.76 7.67
CA TRP A 265 21.05 -2.29 6.99
C TRP A 265 20.47 -1.03 7.65
N TYR A 266 20.74 -0.83 8.94
CA TYR A 266 19.99 0.15 9.73
C TYR A 266 20.79 1.32 10.28
N GLU A 267 22.05 1.09 10.64
CA GLU A 267 22.85 2.11 11.33
C GLU A 267 22.94 3.42 10.53
N ALA A 268 23.06 3.31 9.21
CA ALA A 268 23.35 4.46 8.37
C ALA A 268 22.14 5.36 8.11
N HIS A 269 20.98 5.02 8.67
CA HIS A 269 19.79 5.86 8.54
C HIS A 269 19.44 6.57 9.85
N ASP A 270 19.77 7.85 9.91
CA ASP A 270 19.42 8.71 11.04
C ASP A 270 18.00 9.27 10.85
N TYR A 271 17.02 8.65 11.51
CA TYR A 271 15.61 9.00 11.31
C TYR A 271 15.35 10.50 11.55
N LYS A 272 15.78 10.99 12.71
CA LYS A 272 15.50 12.37 13.08
C LYS A 272 16.10 13.36 12.07
N ALA A 273 17.34 13.14 11.68
CA ALA A 273 18.02 14.08 10.77
C ALA A 273 17.38 14.05 9.39
N ILE A 274 17.10 12.85 8.89
CA ILE A 274 16.48 12.69 7.57
C ILE A 274 15.06 13.25 7.58
N GLY A 275 14.34 13.05 8.68
CA GLY A 275 12.98 13.54 8.81
C GLY A 275 12.87 15.05 8.78
N GLU A 276 13.90 15.73 9.26
CA GLU A 276 13.94 17.19 9.19
C GLU A 276 14.13 17.67 7.77
N ILE A 277 15.03 17.00 7.04
CA ILE A 277 15.45 17.44 5.71
C ILE A 277 14.43 17.12 4.62
N ALA A 278 13.85 15.93 4.68
CA ALA A 278 12.96 15.45 3.62
C ALA A 278 11.55 16.05 3.70
N ASN A 279 10.91 16.19 2.56
CA ASN A 279 9.49 16.54 2.53
C ASN A 279 8.65 15.40 3.10
N PHE A 280 8.98 14.17 2.74
CA PHE A 280 8.39 13.03 3.40
C PHE A 280 9.33 11.83 3.34
N VAL A 281 9.06 10.83 4.17
CA VAL A 281 9.88 9.63 4.24
C VAL A 281 9.01 8.39 4.11
N VAL A 282 9.62 7.29 3.71
CA VAL A 282 8.91 6.02 3.56
C VAL A 282 9.66 4.90 4.27
N PRO A 283 9.24 4.56 5.51
CA PRO A 283 9.81 3.39 6.16
C PRO A 283 9.36 2.12 5.45
N MET A 284 10.28 1.22 5.14
CA MET A 284 9.95 0.01 4.39
C MET A 284 9.29 -1.03 5.31
N THR A 285 8.03 -0.82 5.63
CA THR A 285 7.30 -1.68 6.56
C THR A 285 6.61 -2.87 5.85
N TYR A 286 7.40 -3.60 5.07
CA TYR A 286 6.96 -4.85 4.44
C TYR A 286 8.18 -5.67 4.06
N GLU A 287 8.01 -6.98 3.89
CA GLU A 287 9.13 -7.86 3.53
C GLU A 287 9.39 -7.81 2.03
N GLY A 292 14.54 -14.35 1.16
CA GLY A 292 14.15 -15.75 1.02
C GLY A 292 13.83 -16.39 2.36
N GLY A 293 12.92 -15.77 3.10
CA GLY A 293 12.56 -16.24 4.43
C GLY A 293 11.45 -17.26 4.43
N PRO A 294 11.12 -17.79 5.61
CA PRO A 294 10.07 -18.80 5.76
C PRO A 294 8.66 -18.19 5.67
N PRO A 295 7.63 -19.05 5.59
CA PRO A 295 6.24 -18.61 5.54
C PRO A 295 5.85 -17.72 6.72
N MET A 296 5.29 -16.56 6.42
CA MET A 296 4.75 -15.67 7.43
C MET A 296 4.06 -14.52 6.73
N ALA A 297 3.29 -13.73 7.49
CA ALA A 297 2.66 -12.55 6.94
C ALA A 297 3.71 -11.62 6.37
N VAL A 298 3.40 -10.99 5.24
CA VAL A 298 4.35 -10.13 4.56
C VAL A 298 4.61 -8.85 5.36
N SER A 299 3.57 -8.33 6.00
CA SER A 299 3.70 -7.09 6.76
C SER A 299 2.84 -7.17 8.01
N PRO A 300 3.22 -8.06 8.95
CA PRO A 300 2.44 -8.26 10.19
C PRO A 300 2.27 -6.95 10.96
N ILE A 301 1.06 -6.69 11.43
CA ILE A 301 0.73 -5.34 11.86
C ILE A 301 1.40 -4.96 13.18
N GLY A 302 1.75 -5.94 14.01
CA GLY A 302 2.47 -5.67 15.24
C GLY A 302 3.84 -5.03 14.98
N PRO A 303 4.71 -5.75 14.26
CA PRO A 303 6.01 -5.20 13.87
C PRO A 303 5.91 -3.91 13.06
N VAL A 304 4.91 -3.80 12.18
CA VAL A 304 4.70 -2.58 11.42
C VAL A 304 4.42 -1.40 12.37
N ARG A 305 3.52 -1.62 13.33
CA ARG A 305 3.22 -0.60 14.33
C ARG A 305 4.48 -0.18 15.08
N ASP A 306 5.31 -1.15 15.44
CA ASP A 306 6.52 -0.86 16.22
C ASP A 306 7.45 0.08 15.45
N VAL A 307 7.65 -0.20 14.17
CA VAL A 307 8.48 0.64 13.32
C VAL A 307 7.88 2.05 13.18
N LEU A 308 6.57 2.13 13.00
CA LEU A 308 5.94 3.42 12.73
C LEU A 308 5.83 4.26 14.00
N GLU A 309 5.60 3.62 15.15
CA GLU A 309 5.58 4.35 16.41
C GLU A 309 6.97 4.89 16.72
N TYR A 310 8.01 4.15 16.37
CA TYR A 310 9.36 4.68 16.50
C TYR A 310 9.57 5.85 15.53
N ALA A 311 9.11 5.69 14.30
CA ALA A 311 9.26 6.76 13.30
C ALA A 311 8.60 8.05 13.77
N VAL A 312 7.41 7.94 14.34
CA VAL A 312 6.68 9.11 14.81
C VAL A 312 7.41 9.79 15.98
N SER A 313 8.16 9.02 16.75
CA SER A 313 8.92 9.59 17.88
C SER A 313 10.10 10.42 17.40
N GLU A 314 10.49 10.24 16.13
CA GLU A 314 11.65 10.92 15.55
C GLU A 314 11.26 11.94 14.48
N ILE A 315 10.12 11.72 13.86
CA ILE A 315 9.73 12.43 12.64
C ILE A 315 8.27 12.86 12.75
N PRO A 316 7.95 14.10 12.34
CA PRO A 316 6.54 14.48 12.35
C PRO A 316 5.69 13.47 11.58
N SER A 317 4.59 13.03 12.19
CA SER A 317 3.78 11.97 11.60
C SER A 317 3.26 12.36 10.22
N SER A 318 3.06 13.67 10.03
CA SER A 318 2.59 14.21 8.76
C SER A 318 3.62 14.06 7.63
N LYS A 319 4.83 13.61 7.97
CA LYS A 319 5.87 13.39 6.95
C LYS A 319 6.05 11.92 6.62
N ILE A 320 5.30 11.04 7.28
CA ILE A 320 5.53 9.60 7.16
C ILE A 320 4.49 8.90 6.29
N ILE A 321 4.99 8.29 5.21
CA ILE A 321 4.19 7.45 4.34
C ILE A 321 4.60 6.00 4.60
N MET A 322 3.69 5.16 5.06
CA MET A 322 4.04 3.79 5.39
C MET A 322 4.07 2.91 4.14
N GLY A 323 5.08 2.04 4.07
CA GLY A 323 5.20 1.10 2.98
C GLY A 323 4.20 -0.04 3.12
N GLN A 324 3.68 -0.49 1.99
CA GLN A 324 2.72 -1.59 1.97
C GLN A 324 2.88 -2.45 0.73
N ASN A 325 2.87 -3.77 0.93
CA ASN A 325 2.86 -4.74 -0.16
C ASN A 325 1.48 -4.93 -0.75
N LEU A 326 1.41 -5.07 -2.07
CA LEU A 326 0.17 -5.41 -2.76
C LEU A 326 0.15 -6.89 -3.17
N TYR A 327 1.16 -7.63 -2.74
CA TYR A 327 1.34 -9.03 -3.12
C TYR A 327 1.31 -9.93 -1.90
N GLY A 328 1.05 -11.22 -2.13
CA GLY A 328 1.26 -12.25 -1.14
C GLY A 328 2.35 -13.18 -1.64
N TYR A 329 2.58 -14.25 -0.89
CA TYR A 329 3.56 -15.27 -1.28
C TYR A 329 2.97 -16.67 -1.15
N ASP A 330 3.38 -17.54 -2.07
CA ASP A 330 3.07 -18.97 -2.01
C ASP A 330 4.38 -19.73 -1.77
N TRP A 331 4.52 -20.27 -0.56
CA TRP A 331 5.66 -21.13 -0.20
C TRP A 331 5.34 -22.60 -0.40
N THR A 332 6.26 -23.35 -1.02
CA THR A 332 6.17 -24.81 -1.03
C THR A 332 6.89 -25.37 0.19
N LEU A 333 6.19 -26.21 0.95
CA LEU A 333 6.74 -26.80 2.16
C LEU A 333 7.36 -28.16 1.87
N PRO A 334 8.33 -28.60 2.67
CA PRO A 334 8.90 -27.87 3.81
C PRO A 334 9.85 -26.76 3.37
N TYR A 335 9.95 -25.71 4.18
CA TYR A 335 10.84 -24.60 3.90
C TYR A 335 12.27 -24.94 4.31
N LYS A 336 13.22 -24.54 3.48
CA LYS A 336 14.64 -24.77 3.76
C LYS A 336 15.45 -23.58 3.24
N PRO A 337 16.17 -22.87 4.14
CA PRO A 337 17.00 -21.75 3.69
C PRO A 337 17.93 -22.11 2.54
N GLY A 338 18.13 -21.18 1.61
CA GLY A 338 18.99 -21.41 0.46
C GLY A 338 18.24 -22.03 -0.71
N GLY A 339 17.09 -22.63 -0.42
CA GLY A 339 16.30 -23.28 -1.45
C GLY A 339 15.49 -22.30 -2.28
N GLU A 340 14.37 -22.80 -2.81
CA GLU A 340 13.50 -22.02 -3.68
C GLU A 340 12.93 -20.78 -2.99
N TYR A 341 12.90 -19.66 -3.72
CA TYR A 341 12.24 -18.45 -3.25
C TYR A 341 10.72 -18.63 -3.36
N ALA A 342 10.00 -18.10 -2.37
CA ALA A 342 8.55 -18.09 -2.42
C ALA A 342 8.07 -17.37 -3.68
N LYS A 343 6.93 -17.81 -4.21
CA LYS A 343 6.36 -17.19 -5.41
C LYS A 343 5.45 -16.04 -5.03
N ALA A 344 5.77 -14.84 -5.52
CA ALA A 344 4.91 -13.69 -5.32
C ALA A 344 3.63 -13.82 -6.14
N ILE A 345 2.49 -13.53 -5.50
CA ILE A 345 1.19 -13.66 -6.15
C ILE A 345 0.31 -12.47 -5.79
N SER A 346 -0.66 -12.17 -6.66
CA SER A 346 -1.66 -11.17 -6.33
C SER A 346 -2.65 -11.77 -5.34
N PRO A 347 -3.38 -10.90 -4.61
CA PRO A 347 -4.42 -11.43 -3.73
C PRO A 347 -5.52 -12.14 -4.52
N GLN A 348 -5.77 -11.70 -5.75
CA GLN A 348 -6.76 -12.37 -6.59
C GLN A 348 -6.32 -13.80 -6.88
N ARG A 349 -5.03 -13.98 -7.18
CA ARG A 349 -4.47 -15.30 -7.41
C ARG A 349 -4.60 -16.18 -6.17
N ALA A 350 -4.39 -15.58 -4.99
CA ALA A 350 -4.52 -16.29 -3.73
C ALA A 350 -5.94 -16.85 -3.56
N ILE A 351 -6.94 -16.03 -3.84
CA ILE A 351 -8.32 -16.47 -3.80
C ILE A 351 -8.55 -17.62 -4.78
N GLU A 352 -8.02 -17.47 -5.99
CA GLU A 352 -8.14 -18.50 -7.01
C GLU A 352 -7.53 -19.83 -6.57
N LEU A 353 -6.41 -19.76 -5.86
CA LEU A 353 -5.76 -20.97 -5.36
C LEU A 353 -6.61 -21.67 -4.29
N ALA A 354 -7.15 -20.91 -3.34
CA ALA A 354 -8.03 -21.48 -2.32
C ALA A 354 -9.25 -22.15 -2.95
N ALA A 355 -9.79 -21.54 -3.99
CA ALA A 355 -10.94 -22.10 -4.71
C ALA A 355 -10.56 -23.38 -5.46
N ARG A 356 -9.44 -23.32 -6.17
CA ARG A 356 -8.97 -24.45 -6.98
C ARG A 356 -8.67 -25.67 -6.13
N TYR A 357 -7.99 -25.46 -5.00
CA TYR A 357 -7.55 -26.58 -4.18
C TYR A 357 -8.45 -26.78 -2.96
N LYS A 358 -9.61 -26.12 -2.99
CA LYS A 358 -10.72 -26.41 -2.10
C LYS A 358 -10.36 -26.33 -0.61
N VAL A 359 -9.83 -25.18 -0.22
CA VAL A 359 -9.54 -24.90 1.19
C VAL A 359 -10.13 -23.55 1.59
N ALA A 360 -10.43 -23.40 2.87
CA ALA A 360 -10.91 -22.13 3.41
C ALA A 360 -9.77 -21.16 3.62
N ILE A 361 -10.08 -19.87 3.57
CA ILE A 361 -9.11 -18.83 3.89
C ILE A 361 -9.21 -18.52 5.38
N GLN A 362 -8.07 -18.58 6.06
CA GLN A 362 -8.00 -18.26 7.48
C GLN A 362 -7.57 -16.81 7.65
N TYR A 363 -7.74 -16.28 8.86
CA TYR A 363 -7.29 -14.93 9.16
C TYR A 363 -6.56 -14.91 10.50
N ASP A 364 -5.33 -14.45 10.47
CA ASP A 364 -4.49 -14.34 11.66
C ASP A 364 -4.80 -13.00 12.33
N ASN A 365 -5.46 -13.06 13.49
CA ASN A 365 -5.84 -11.83 14.19
C ASN A 365 -4.64 -11.06 14.72
N LYS A 366 -3.55 -11.78 15.01
CA LYS A 366 -2.35 -11.15 15.56
C LYS A 366 -1.62 -10.36 14.47
N ALA A 367 -1.41 -10.99 13.33
CA ALA A 367 -0.74 -10.36 12.19
C ALA A 367 -1.69 -9.44 11.42
N GLN A 368 -2.99 -9.67 11.57
CA GLN A 368 -4.01 -9.04 10.73
C GLN A 368 -3.69 -9.31 9.25
N ALA A 369 -3.75 -10.58 8.88
CA ALA A 369 -3.48 -11.00 7.51
C ALA A 369 -4.13 -12.34 7.21
N PRO A 370 -4.62 -12.53 5.97
CA PRO A 370 -5.20 -13.81 5.59
C PRO A 370 -4.14 -14.82 5.17
N PHE A 371 -4.43 -16.10 5.38
CA PHE A 371 -3.53 -17.17 5.01
C PHE A 371 -4.29 -18.48 4.81
N PHE A 372 -3.64 -19.43 4.16
CA PHE A 372 -4.13 -20.80 4.13
C PHE A 372 -3.03 -21.75 3.71
N ARG A 373 -3.27 -23.04 3.94
CA ARG A 373 -2.44 -24.10 3.39
C ARG A 373 -3.26 -24.90 2.39
N TYR A 374 -2.60 -25.44 1.37
CA TYR A 374 -3.26 -26.31 0.42
C TYR A 374 -2.30 -27.37 -0.07
N LYS A 375 -2.83 -28.42 -0.67
CA LYS A 375 -2.01 -29.49 -1.26
C LYS A 375 -2.16 -29.49 -2.77
N ASP A 376 -1.01 -29.52 -3.48
CA ASP A 376 -1.03 -29.51 -4.93
C ASP A 376 -1.11 -30.93 -5.48
N GLU A 377 -1.02 -31.07 -6.80
CA GLU A 377 -1.23 -32.35 -7.46
C GLU A 377 -0.08 -33.34 -7.23
N GLN A 378 1.02 -32.87 -6.66
CA GLN A 378 2.13 -33.74 -6.27
C GLN A 378 2.06 -34.01 -4.76
N GLN A 379 0.92 -33.70 -4.16
CA GLN A 379 0.68 -33.91 -2.74
C GLN A 379 1.65 -33.11 -1.85
N ARG A 380 2.22 -32.04 -2.40
CA ARG A 380 3.04 -31.14 -1.61
C ARG A 380 2.17 -30.08 -0.95
N THR A 381 2.45 -29.80 0.32
CA THR A 381 1.75 -28.76 1.05
C THR A 381 2.36 -27.39 0.76
N HIS A 382 1.48 -26.42 0.50
CA HIS A 382 1.88 -25.03 0.33
C HIS A 382 1.31 -24.21 1.47
N GLU A 383 1.97 -23.10 1.79
CA GLU A 383 1.40 -22.13 2.71
C GLU A 383 1.39 -20.77 2.02
N VAL A 384 0.23 -20.13 2.04
CA VAL A 384 0.03 -18.85 1.37
C VAL A 384 -0.32 -17.77 2.38
N TRP A 385 0.38 -16.64 2.31
CA TRP A 385 0.05 -15.44 3.06
C TRP A 385 -0.19 -14.31 2.07
N PHE A 386 -1.28 -13.58 2.22
CA PHE A 386 -1.57 -12.50 1.29
C PHE A 386 -2.24 -11.31 1.98
N GLU A 387 -3.06 -10.57 1.25
CA GLU A 387 -3.73 -9.38 1.76
C GLU A 387 -5.17 -9.40 1.32
N ASP A 388 -6.05 -8.80 2.11
CA ASP A 388 -7.45 -8.71 1.73
C ASP A 388 -8.04 -7.44 2.30
N ALA A 389 -9.34 -7.24 2.11
CA ALA A 389 -10.00 -6.02 2.54
C ALA A 389 -9.78 -5.78 4.04
N ARG A 390 -9.87 -6.84 4.81
CA ARG A 390 -9.67 -6.76 6.26
C ARG A 390 -8.28 -6.27 6.62
N SER A 391 -7.26 -6.84 6.00
CA SER A 391 -5.89 -6.51 6.38
C SER A 391 -5.52 -5.08 5.97
N ILE A 392 -5.96 -4.67 4.78
CA ILE A 392 -5.66 -3.31 4.34
C ILE A 392 -6.41 -2.29 5.21
N GLN A 393 -7.66 -2.60 5.55
CA GLN A 393 -8.42 -1.71 6.42
C GLN A 393 -7.71 -1.55 7.77
N ALA A 394 -7.13 -2.62 8.28
CA ALA A 394 -6.41 -2.56 9.55
C ALA A 394 -5.22 -1.60 9.44
N LYS A 395 -4.55 -1.62 8.30
CA LYS A 395 -3.43 -0.71 8.05
C LYS A 395 -3.91 0.74 7.92
N PHE A 396 -5.05 0.94 7.25
CA PHE A 396 -5.62 2.27 7.12
C PHE A 396 -6.03 2.81 8.49
N ASP A 397 -6.55 1.94 9.35
CA ASP A 397 -6.88 2.32 10.72
C ASP A 397 -5.61 2.82 11.43
N LEU A 398 -4.50 2.16 11.17
CA LEU A 398 -3.24 2.50 11.80
C LEU A 398 -2.73 3.85 11.30
N ILE A 399 -2.89 4.11 10.01
CA ILE A 399 -2.57 5.42 9.44
C ILE A 399 -3.34 6.53 10.18
N LYS A 400 -4.63 6.30 10.39
CA LYS A 400 -5.47 7.28 11.05
C LYS A 400 -5.10 7.44 12.52
N GLU A 401 -4.83 6.32 13.19
CA GLU A 401 -4.48 6.35 14.61
C GLU A 401 -3.18 7.13 14.86
N LEU A 402 -2.19 6.88 14.01
CA LEU A 402 -0.87 7.50 14.19
C LEU A 402 -0.73 8.80 13.41
N LYS A 403 -1.80 9.22 12.74
CA LYS A 403 -1.85 10.49 12.02
C LYS A 403 -0.75 10.55 10.95
N LEU A 404 -0.61 9.46 10.21
CA LEU A 404 0.42 9.38 9.19
C LEU A 404 -0.03 10.08 7.90
N ARG A 405 0.92 10.29 7.00
CA ARG A 405 0.67 11.03 5.77
C ARG A 405 -0.11 10.19 4.75
N GLY A 406 0.16 8.89 4.76
CA GLY A 406 -0.49 7.97 3.82
C GLY A 406 0.28 6.68 3.64
N MET A 407 0.23 6.13 2.42
CA MET A 407 0.75 4.80 2.16
C MET A 407 1.47 4.72 0.81
N ALA A 408 2.53 3.94 0.77
CA ALA A 408 3.31 3.71 -0.45
C ALA A 408 3.20 2.24 -0.82
N TYR A 409 2.94 1.96 -2.09
CA TYR A 409 2.61 0.61 -2.53
C TYR A 409 3.69 -0.01 -3.39
N TRP A 410 4.15 -1.18 -2.97
CA TRP A 410 4.96 -2.05 -3.81
C TRP A 410 4.10 -3.26 -4.19
N LYS A 411 3.70 -3.42 -5.46
CA LYS A 411 4.03 -2.54 -6.58
C LYS A 411 2.82 -2.50 -7.48
N LEU A 412 2.66 -1.40 -8.22
CA LEU A 412 1.50 -1.23 -9.07
C LEU A 412 1.48 -2.25 -10.20
N GLY A 413 0.29 -2.55 -10.68
CA GLY A 413 0.10 -3.55 -11.72
C GLY A 413 -0.50 -4.82 -11.17
N LEU A 414 -0.25 -5.09 -9.88
CA LEU A 414 -0.80 -6.26 -9.23
C LEU A 414 -2.30 -6.11 -9.03
N ASP A 415 -3.01 -7.23 -9.12
CA ASP A 415 -4.47 -7.22 -9.07
C ASP A 415 -4.99 -7.37 -7.65
N PHE A 416 -5.51 -6.27 -7.11
CA PHE A 416 -6.00 -6.23 -5.74
C PHE A 416 -7.07 -5.14 -5.65
N PRO A 417 -8.27 -5.44 -6.19
CA PRO A 417 -9.32 -4.43 -6.35
C PRO A 417 -9.73 -3.75 -5.04
N GLN A 418 -9.76 -4.50 -3.95
CA GLN A 418 -10.27 -3.99 -2.69
C GLN A 418 -9.41 -2.86 -2.13
N ASN A 419 -8.11 -2.90 -2.41
CA ASN A 419 -7.23 -1.83 -1.95
C ASN A 419 -7.74 -0.47 -2.41
N TRP A 420 -8.04 -0.38 -3.70
CA TRP A 420 -8.40 0.89 -4.32
C TRP A 420 -9.79 1.36 -3.88
N LEU A 421 -10.71 0.42 -3.74
CA LEU A 421 -12.03 0.74 -3.19
C LEU A 421 -11.89 1.35 -1.80
N LEU A 422 -11.01 0.77 -0.99
CA LEU A 422 -10.89 1.17 0.40
C LEU A 422 -10.16 2.50 0.56
N ILE A 423 -9.22 2.80 -0.33
CA ILE A 423 -8.56 4.11 -0.29
C ILE A 423 -9.62 5.20 -0.41
N GLU A 424 -10.48 5.09 -1.42
CA GLU A 424 -11.48 6.11 -1.68
C GLU A 424 -12.51 6.18 -0.55
N ASP A 425 -12.83 5.03 0.04
CA ASP A 425 -13.78 4.98 1.14
C ASP A 425 -13.23 5.66 2.38
N ASN A 426 -11.94 5.53 2.61
CA ASN A 426 -11.33 5.98 3.87
C ASN A 426 -10.70 7.38 3.81
N PHE A 427 -10.30 7.81 2.62
CA PHE A 427 -9.53 9.05 2.47
C PHE A 427 -10.02 9.93 1.33
N LYS A 428 -9.79 11.23 1.48
CA LYS A 428 -9.76 12.13 0.34
C LYS A 428 -8.36 12.07 -0.24
N ILE A 429 -8.24 11.72 -1.51
CA ILE A 429 -6.93 11.52 -2.12
C ILE A 429 -6.33 12.86 -2.54
N THR A 430 -5.18 13.17 -1.95
CA THR A 430 -4.49 14.42 -2.22
C THR A 430 -3.91 14.42 -3.62
N LYS A 431 -4.16 15.49 -4.36
CA LYS A 431 -3.51 15.74 -5.65
C LYS A 431 -2.71 17.03 -5.56
N ARG A 432 -1.44 16.97 -5.94
CA ARG A 432 -0.52 18.09 -5.72
C ARG A 432 -0.09 18.86 -6.97
N VAL A 433 -0.47 18.40 -8.15
CA VAL A 433 0.04 19.02 -9.38
C VAL A 433 -0.56 20.41 -9.57
S SO4 B . 5.40 19.00 1.62
O1 SO4 B . 4.26 18.72 2.49
O2 SO4 B . 6.57 19.33 2.43
O3 SO4 B . 5.69 17.80 0.83
O4 SO4 B . 5.08 20.13 0.75
S SO4 C . -20.70 -8.51 9.77
O1 SO4 C . -20.78 -9.71 10.59
O2 SO4 C . -19.44 -7.80 10.03
O3 SO4 C . -20.74 -8.88 8.35
O4 SO4 C . -21.82 -7.62 10.08
#